data_7N0V
#
_entry.id   7N0V
#
_cell.length_a   133.105
_cell.length_b   133.105
_cell.length_c   145.420
_cell.angle_alpha   90.000
_cell.angle_beta   90.000
_cell.angle_gamma   120.000
#
_symmetry.space_group_name_H-M   'P 61 2 2'
#
loop_
_entity.id
_entity.type
_entity.pdbx_description
1 polymer 'REGN5715 Fab heavy chain'
2 polymer 'REGN5715 Fab light chain'
3 polymer 'Major pollen allergen Bet v 1-A'
#
loop_
_entity_poly.entity_id
_entity_poly.type
_entity_poly.pdbx_seq_one_letter_code
_entity_poly.pdbx_strand_id
1 'polypeptide(L)'
;QVQLVQSGAEVKKPGASVKVSCKASGYTFISYNIFWVRQATGQGLDWMGWMNPFRNNAGYAQKFQGRVTVTWDTSISTAY
MELSSLSSEDTAIYYCAREHGSSWGFFDYWGQGTLVTVSSASTKGPSVFPLAPCSRSTSESTAALGCLVKDYFPEPVTVS
WNSGALTSGVHTFPAVLQSSGLYSLSSVVTVPSSSLGTKTYTCNVDHKPSNTKVDKRVESKYGPP
;
H
2 'polypeptide(L)'
;EIVLTQSPGTLSLSPGERATLSCRASQSVSSSYLAWYQQKPGQAPRLLIYGASSRATGIPDRFSGSGSGTDFTLTISRLE
PEDFAVYYCQQYGSSPWTFGQGTKVEIKRTVAAPSVFIFPPSDEQLKSGTASVVCLLNNFYPREAKVQWKVDNALQSGNS
QESVTEQDSKDSTYSLSSTLTLSKADYEKHKVYACEVTHQGLSSPVTKSFNRGEC
;
L
3 'polypeptide(L)'
;GVFNYETETTSVIPAARLFKAFILDGDNLFPKVAPQAISSVENIEGNGGPGTIKKISFPEGLPFKYVKDRVDEVDHTNFK
YNYSVIEGGPIGDTLEKISNEIKIVATPDGGSILKISNKYHTKGDHEVKAEQVKASKEMGETLLRAVESYLLAHSDAYNE
QKLISEEDLGGEQKLISEEDLHHHHHH
;
C
#
# COMPACT_ATOMS: atom_id res chain seq x y z
N GLN A 1 20.76 -2.14 3.88
CA GLN A 1 19.43 -1.57 3.95
C GLN A 1 18.48 -2.25 2.96
N VAL A 2 17.28 -2.58 3.43
CA VAL A 2 16.32 -3.34 2.65
C VAL A 2 15.70 -2.44 1.59
N GLN A 3 15.71 -2.90 0.34
CA GLN A 3 15.05 -2.21 -0.76
C GLN A 3 14.22 -3.20 -1.57
N LEU A 4 13.10 -2.71 -2.09
CA LEU A 4 12.27 -3.46 -3.03
C LEU A 4 12.10 -2.60 -4.28
N VAL A 5 12.76 -2.99 -5.36
CA VAL A 5 12.76 -2.25 -6.61
C VAL A 5 11.91 -3.01 -7.62
N GLN A 6 10.94 -2.32 -8.21
CA GLN A 6 10.00 -2.93 -9.15
C GLN A 6 10.31 -2.55 -10.59
N SER A 7 9.79 -3.36 -11.50
CA SER A 7 9.79 -3.01 -12.91
C SER A 7 8.86 -1.82 -13.15
N GLY A 8 8.97 -1.23 -14.35
CA GLY A 8 8.36 0.05 -14.63
C GLY A 8 7.01 -0.06 -15.32
N ALA A 9 6.58 1.09 -15.85
CA ALA A 9 5.22 1.24 -16.36
C ALA A 9 4.96 0.29 -17.52
N GLU A 10 3.76 -0.30 -17.51
CA GLU A 10 3.31 -1.22 -18.54
C GLU A 10 2.05 -0.68 -19.19
N VAL A 11 1.97 -0.78 -20.51
CA VAL A 11 0.79 -0.40 -21.27
C VAL A 11 0.36 -1.63 -22.06
N LYS A 12 -0.89 -2.06 -21.86
CA LYS A 12 -1.38 -3.31 -22.43
C LYS A 12 -2.76 -3.10 -23.04
N LYS A 13 -3.05 -3.91 -24.07
CA LYS A 13 -4.39 -3.97 -24.61
C LYS A 13 -5.27 -4.80 -23.67
N PRO A 14 -6.58 -4.56 -23.67
CA PRO A 14 -7.48 -5.44 -22.91
C PRO A 14 -7.40 -6.87 -23.41
N GLY A 15 -7.44 -7.81 -22.46
CA GLY A 15 -7.29 -9.22 -22.76
C GLY A 15 -5.89 -9.76 -22.61
N ALA A 16 -4.88 -8.89 -22.52
CA ALA A 16 -3.50 -9.33 -22.40
C ALA A 16 -3.16 -9.63 -20.95
N SER A 17 -1.88 -9.95 -20.71
CA SER A 17 -1.37 -10.22 -19.38
C SER A 17 -0.15 -9.35 -19.13
N VAL A 18 0.06 -8.99 -17.87
CA VAL A 18 1.19 -8.18 -17.45
C VAL A 18 1.95 -8.92 -16.37
N LYS A 19 3.27 -8.91 -16.47
CA LYS A 19 4.14 -9.55 -15.48
C LYS A 19 5.03 -8.48 -14.86
N VAL A 20 4.83 -8.22 -13.58
CA VAL A 20 5.57 -7.21 -12.84
C VAL A 20 6.60 -7.91 -11.96
N SER A 21 7.82 -7.38 -11.96
CA SER A 21 8.90 -7.95 -11.17
C SER A 21 9.20 -7.07 -9.97
N CYS A 22 9.69 -7.69 -8.89
CA CYS A 22 10.06 -7.00 -7.66
C CYS A 22 11.36 -7.62 -7.16
N LYS A 23 12.47 -6.91 -7.35
CA LYS A 23 13.78 -7.40 -6.93
C LYS A 23 14.06 -6.94 -5.51
N ALA A 24 14.37 -7.89 -4.64
CA ALA A 24 14.69 -7.61 -3.24
C ALA A 24 16.20 -7.58 -3.03
N SER A 25 16.64 -6.71 -2.14
CA SER A 25 18.05 -6.59 -1.81
C SER A 25 18.18 -6.12 -0.36
N GLY A 26 19.35 -6.38 0.21
CA GLY A 26 19.64 -6.00 1.58
C GLY A 26 19.20 -6.99 2.63
N TYR A 27 18.67 -8.15 2.23
CA TYR A 27 18.28 -9.18 3.18
C TYR A 27 18.24 -10.51 2.46
N THR A 28 18.09 -11.59 3.24
CA THR A 28 18.02 -12.93 2.68
C THR A 28 16.65 -13.16 2.05
N PHE A 29 16.62 -13.42 0.74
CA PHE A 29 15.37 -13.43 0.00
C PHE A 29 14.40 -14.48 0.52
N ILE A 30 14.89 -15.70 0.75
CA ILE A 30 14.01 -16.80 1.17
C ILE A 30 13.48 -16.63 2.57
N SER A 31 14.00 -15.65 3.34
CA SER A 31 13.65 -15.54 4.74
C SER A 31 12.32 -14.84 4.99
N TYR A 32 11.83 -14.04 4.04
CA TYR A 32 10.61 -13.27 4.24
C TYR A 32 9.61 -13.52 3.13
N ASN A 33 8.33 -13.39 3.46
CA ASN A 33 7.26 -13.45 2.48
C ASN A 33 7.11 -12.10 1.79
N ILE A 34 6.53 -12.13 0.60
CA ILE A 34 6.25 -10.93 -0.18
C ILE A 34 4.79 -10.98 -0.64
N PHE A 35 4.05 -9.91 -0.38
CA PHE A 35 2.70 -9.79 -0.91
C PHE A 35 2.68 -8.85 -2.10
N TRP A 36 1.59 -8.91 -2.86
CA TRP A 36 1.31 -7.96 -3.94
C TRP A 36 0.00 -7.26 -3.63
N VAL A 37 0.04 -5.93 -3.64
CA VAL A 37 -1.12 -5.11 -3.26
C VAL A 37 -1.41 -4.12 -4.37
N ARG A 38 -2.66 -4.10 -4.83
CA ARG A 38 -3.11 -3.14 -5.83
C ARG A 38 -3.59 -1.87 -5.15
N GLN A 39 -3.32 -0.73 -5.79
CA GLN A 39 -3.89 0.55 -5.39
C GLN A 39 -4.48 1.24 -6.61
N ALA A 40 -5.78 1.09 -6.80
CA ALA A 40 -6.54 1.88 -7.76
C ALA A 40 -7.20 3.03 -7.02
N THR A 41 -7.25 4.21 -7.65
CA THR A 41 -7.81 5.39 -6.99
C THR A 41 -9.29 5.22 -6.67
N GLY A 42 -9.97 4.26 -7.29
CA GLY A 42 -11.35 3.98 -6.95
C GLY A 42 -11.52 3.60 -5.50
N GLN A 43 -10.95 2.45 -5.11
CA GLN A 43 -10.91 2.05 -3.71
C GLN A 43 -9.58 2.50 -3.11
N GLY A 44 -9.20 1.93 -1.96
CA GLY A 44 -7.87 2.11 -1.42
C GLY A 44 -6.91 1.00 -1.80
N LEU A 45 -6.55 0.15 -0.84
CA LEU A 45 -5.57 -0.90 -1.04
C LEU A 45 -6.25 -2.27 -0.98
N ASP A 46 -5.84 -3.17 -1.89
CA ASP A 46 -6.30 -4.55 -1.91
C ASP A 46 -5.10 -5.47 -2.11
N TRP A 47 -4.98 -6.48 -1.24
CA TRP A 47 -3.95 -7.49 -1.44
C TRP A 47 -4.39 -8.44 -2.56
N MET A 48 -3.41 -8.90 -3.33
CA MET A 48 -3.67 -9.75 -4.49
C MET A 48 -3.25 -11.19 -4.27
N GLY A 49 -2.11 -11.41 -3.66
CA GLY A 49 -1.62 -12.75 -3.41
C GLY A 49 -0.28 -12.68 -2.72
N TRP A 50 0.12 -13.80 -2.14
CA TRP A 50 1.38 -13.87 -1.41
C TRP A 50 2.18 -15.09 -1.84
N MET A 51 3.50 -14.94 -1.78
CA MET A 51 4.45 -16.01 -2.07
C MET A 51 5.25 -16.31 -0.81
N ASN A 52 5.60 -17.59 -0.63
CA ASN A 52 6.41 -18.04 0.50
C ASN A 52 7.62 -18.77 -0.06
N PRO A 53 8.74 -18.09 -0.24
CA PRO A 53 9.91 -18.73 -0.86
C PRO A 53 10.58 -19.78 0.00
N PHE A 54 10.27 -19.85 1.30
CA PHE A 54 10.88 -20.86 2.16
C PHE A 54 10.09 -22.15 2.17
N ARG A 55 8.75 -22.06 2.20
CA ARG A 55 7.90 -23.23 2.14
C ARG A 55 7.47 -23.58 0.72
N ASN A 56 7.79 -22.73 -0.25
CA ASN A 56 7.53 -22.98 -1.68
C ASN A 56 6.04 -23.19 -1.94
N ASN A 57 5.23 -22.24 -1.47
CA ASN A 57 3.79 -22.27 -1.69
C ASN A 57 3.29 -20.84 -1.78
N ALA A 58 1.98 -20.68 -2.00
CA ALA A 58 1.42 -19.36 -2.23
C ALA A 58 -0.05 -19.35 -1.84
N GLY A 59 -0.57 -18.14 -1.64
CA GLY A 59 -1.98 -17.94 -1.41
C GLY A 59 -2.46 -16.73 -2.19
N TYR A 60 -3.73 -16.76 -2.57
CA TYR A 60 -4.27 -15.78 -3.50
C TYR A 60 -5.53 -15.14 -2.93
N ALA A 61 -5.70 -13.85 -3.20
CA ALA A 61 -6.89 -13.14 -2.78
C ALA A 61 -8.10 -13.59 -3.59
N GLN A 62 -9.24 -13.70 -2.93
CA GLN A 62 -10.45 -14.19 -3.59
C GLN A 62 -10.95 -13.22 -4.65
N LYS A 63 -10.83 -11.92 -4.41
CA LYS A 63 -11.48 -10.94 -5.28
C LYS A 63 -10.93 -10.99 -6.70
N PHE A 64 -9.64 -11.26 -6.87
CA PHE A 64 -9.05 -11.28 -8.20
C PHE A 64 -9.28 -12.59 -8.94
N GLN A 65 -9.68 -13.64 -8.23
CA GLN A 65 -10.25 -14.85 -8.85
C GLN A 65 -9.29 -15.53 -9.82
N GLY A 66 -8.12 -15.92 -9.29
CA GLY A 66 -7.21 -16.73 -10.06
C GLY A 66 -6.60 -16.06 -11.27
N ARG A 67 -6.81 -14.76 -11.45
CA ARG A 67 -6.11 -14.03 -12.50
C ARG A 67 -4.72 -13.60 -12.07
N VAL A 68 -4.36 -13.86 -10.81
CA VAL A 68 -3.06 -13.51 -10.26
C VAL A 68 -2.24 -14.79 -10.14
N THR A 69 -1.01 -14.76 -10.64
CA THR A 69 -0.07 -15.84 -10.48
C THR A 69 1.25 -15.26 -9.96
N VAL A 70 1.75 -15.81 -8.86
CA VAL A 70 2.97 -15.33 -8.22
C VAL A 70 4.06 -16.37 -8.41
N THR A 71 5.20 -15.94 -8.95
CA THR A 71 6.39 -16.76 -9.11
C THR A 71 7.59 -15.96 -8.63
N TRP A 72 8.73 -16.63 -8.51
CA TRP A 72 9.93 -15.96 -8.04
C TRP A 72 11.16 -16.70 -8.53
N ASP A 73 12.28 -15.96 -8.55
CA ASP A 73 13.59 -16.51 -8.92
C ASP A 73 14.53 -16.19 -7.76
N THR A 74 14.81 -17.21 -6.94
CA THR A 74 15.63 -17.00 -5.75
C THR A 74 17.05 -16.57 -6.12
N SER A 75 17.58 -17.11 -7.22
CA SER A 75 18.95 -16.82 -7.61
C SER A 75 19.20 -15.34 -7.88
N ILE A 76 18.16 -14.58 -8.23
CA ILE A 76 18.27 -13.15 -8.45
C ILE A 76 17.40 -12.35 -7.48
N SER A 77 16.82 -13.01 -6.48
CA SER A 77 16.05 -12.35 -5.43
C SER A 77 14.93 -11.49 -6.01
N THR A 78 14.25 -12.01 -7.03
CA THR A 78 13.20 -11.27 -7.73
C THR A 78 11.88 -12.00 -7.58
N ALA A 79 10.84 -11.26 -7.18
CA ALA A 79 9.48 -11.77 -7.11
C ALA A 79 8.71 -11.33 -8.35
N TYR A 80 7.81 -12.19 -8.82
CA TYR A 80 7.05 -11.92 -10.03
C TYR A 80 5.56 -12.05 -9.74
N MET A 81 4.77 -11.17 -10.38
CA MET A 81 3.32 -11.24 -10.31
C MET A 81 2.77 -11.02 -11.71
N GLU A 82 2.02 -12.00 -12.21
CA GLU A 82 1.38 -11.90 -13.52
C GLU A 82 -0.13 -11.83 -13.32
N LEU A 83 -0.73 -10.74 -13.79
CA LEU A 83 -2.18 -10.55 -13.73
C LEU A 83 -2.73 -10.80 -15.13
N SER A 84 -3.30 -11.98 -15.34
CA SER A 84 -3.86 -12.35 -16.62
C SER A 84 -5.25 -11.73 -16.79
N SER A 85 -5.69 -11.67 -18.05
CA SER A 85 -7.03 -11.18 -18.41
C SER A 85 -7.25 -9.75 -17.92
N LEU A 86 -6.46 -8.85 -18.50
CA LEU A 86 -6.47 -7.45 -18.12
C LEU A 86 -7.60 -6.69 -18.80
N SER A 87 -8.38 -5.95 -18.03
CA SER A 87 -9.41 -5.05 -18.53
C SER A 87 -9.08 -3.62 -18.12
N SER A 88 -9.96 -2.69 -18.50
CA SER A 88 -9.80 -1.30 -18.10
C SER A 88 -9.96 -1.10 -16.60
N GLU A 89 -10.60 -2.04 -15.91
CA GLU A 89 -10.72 -1.98 -14.46
C GLU A 89 -9.41 -2.31 -13.76
N ASP A 90 -8.43 -2.85 -14.46
CA ASP A 90 -7.15 -3.21 -13.88
C ASP A 90 -6.12 -2.09 -13.95
N THR A 91 -6.47 -0.94 -14.52
CA THR A 91 -5.56 0.20 -14.56
C THR A 91 -5.35 0.73 -13.16
N ALA A 92 -4.16 0.50 -12.61
CA ALA A 92 -3.85 0.88 -11.24
C ALA A 92 -2.34 0.80 -11.05
N ILE A 93 -1.89 1.13 -9.84
CA ILE A 93 -0.50 0.98 -9.43
C ILE A 93 -0.41 -0.23 -8.53
N TYR A 94 0.50 -1.14 -8.84
CA TYR A 94 0.65 -2.39 -8.12
C TYR A 94 1.93 -2.35 -7.29
N TYR A 95 1.83 -2.79 -6.03
CA TYR A 95 2.94 -2.74 -5.09
C TYR A 95 3.35 -4.14 -4.68
N CYS A 96 4.64 -4.28 -4.34
CA CYS A 96 5.18 -5.45 -3.68
C CYS A 96 5.66 -5.04 -2.29
N ALA A 97 5.28 -5.82 -1.29
CA ALA A 97 5.60 -5.48 0.09
C ALA A 97 6.13 -6.71 0.81
N ARG A 98 7.18 -6.52 1.61
CA ARG A 98 7.77 -7.61 2.36
C ARG A 98 7.00 -7.82 3.66
N GLU A 99 6.50 -9.03 3.87
CA GLU A 99 5.88 -9.37 5.15
C GLU A 99 6.95 -9.49 6.22
N HIS A 100 6.73 -8.84 7.36
CA HIS A 100 7.70 -8.89 8.44
C HIS A 100 7.85 -10.30 9.00
N GLY A 101 6.72 -10.99 9.19
CA GLY A 101 6.75 -12.34 9.74
C GLY A 101 5.46 -13.06 9.43
N SER A 102 5.54 -14.38 9.36
CA SER A 102 4.38 -15.19 8.95
C SER A 102 3.19 -15.00 9.87
N SER A 103 3.43 -14.65 11.14
CA SER A 103 2.37 -14.34 12.08
C SER A 103 2.23 -12.84 12.35
N TRP A 104 3.34 -12.11 12.40
CA TRP A 104 3.31 -10.64 12.46
C TRP A 104 3.31 -10.09 11.04
N GLY A 105 2.16 -10.22 10.39
CA GLY A 105 2.04 -9.84 8.99
C GLY A 105 1.86 -8.36 8.76
N PHE A 106 2.88 -7.56 9.10
CA PHE A 106 2.88 -6.14 8.77
C PHE A 106 4.03 -5.87 7.81
N PHE A 107 3.74 -5.14 6.74
CA PHE A 107 4.68 -4.97 5.63
C PHE A 107 5.63 -3.83 5.95
N ASP A 108 6.83 -4.19 6.42
CA ASP A 108 7.80 -3.19 6.87
C ASP A 108 8.36 -2.40 5.69
N TYR A 109 8.64 -3.05 4.57
CA TYR A 109 9.26 -2.42 3.43
C TYR A 109 8.38 -2.59 2.19
N TRP A 110 8.35 -1.55 1.37
CA TRP A 110 7.43 -1.46 0.23
C TRP A 110 8.18 -1.12 -1.04
N GLY A 111 7.71 -1.67 -2.16
CA GLY A 111 8.20 -1.26 -3.46
C GLY A 111 7.69 0.10 -3.86
N GLN A 112 8.31 0.68 -4.89
CA GLN A 112 8.01 2.04 -5.27
C GLN A 112 6.73 2.17 -6.10
N GLY A 113 6.19 1.08 -6.61
CA GLY A 113 4.96 1.16 -7.38
C GLY A 113 5.21 0.97 -8.86
N THR A 114 4.35 0.18 -9.50
CA THR A 114 4.41 -0.06 -10.93
C THR A 114 3.04 0.27 -11.53
N LEU A 115 3.03 1.18 -12.50
CA LEU A 115 1.80 1.60 -13.16
C LEU A 115 1.47 0.66 -14.31
N VAL A 116 0.25 0.15 -14.32
CA VAL A 116 -0.27 -0.65 -15.43
C VAL A 116 -1.50 0.06 -15.99
N THR A 117 -1.48 0.33 -17.29
CA THR A 117 -2.55 1.06 -17.96
C THR A 117 -3.14 0.16 -19.03
N VAL A 118 -4.34 -0.35 -18.79
CA VAL A 118 -4.98 -1.25 -19.75
C VAL A 118 -6.21 -0.56 -20.33
N SER A 119 -6.02 0.12 -21.46
CA SER A 119 -7.12 0.72 -22.21
C SER A 119 -6.90 0.42 -23.69
N SER A 120 -7.96 0.59 -24.47
CA SER A 120 -7.95 0.25 -25.90
C SER A 120 -7.92 1.55 -26.71
N ALA A 121 -6.71 2.03 -26.97
CA ALA A 121 -6.53 3.25 -27.75
C ALA A 121 -5.14 3.24 -28.38
N SER A 122 -4.97 4.07 -29.40
CA SER A 122 -3.68 4.28 -30.04
C SER A 122 -3.05 5.57 -29.51
N THR A 123 -1.72 5.62 -29.55
CA THR A 123 -1.01 6.78 -29.03
C THR A 123 -1.31 7.98 -29.92
N LYS A 124 -2.04 8.94 -29.36
CA LYS A 124 -2.59 10.05 -30.12
C LYS A 124 -2.26 11.36 -29.43
N GLY A 125 -1.82 12.35 -30.20
CA GLY A 125 -1.43 13.63 -29.67
C GLY A 125 -2.63 14.53 -29.39
N PRO A 126 -2.49 15.40 -28.39
CA PRO A 126 -3.63 16.22 -27.97
C PRO A 126 -3.87 17.39 -28.93
N SER A 127 -5.11 17.88 -28.89
CA SER A 127 -5.48 19.13 -29.53
C SER A 127 -5.51 20.22 -28.46
N VAL A 128 -4.86 21.33 -28.72
CA VAL A 128 -4.74 22.42 -27.76
C VAL A 128 -5.65 23.56 -28.21
N PHE A 129 -6.63 23.90 -27.37
CA PHE A 129 -7.56 24.96 -27.68
C PHE A 129 -7.44 26.10 -26.67
N PRO A 130 -7.57 27.35 -27.11
CA PRO A 130 -7.43 28.47 -26.17
C PRO A 130 -8.62 28.59 -25.24
N LEU A 131 -8.36 29.10 -24.04
CA LEU A 131 -9.39 29.40 -23.06
C LEU A 131 -9.28 30.90 -22.73
N ALA A 132 -10.16 31.70 -23.33
CA ALA A 132 -10.17 33.14 -23.12
C ALA A 132 -11.58 33.62 -22.84
N PRO A 133 -11.74 34.66 -22.03
CA PRO A 133 -13.08 35.18 -21.75
C PRO A 133 -13.70 35.80 -22.99
N CYS A 134 -15.04 35.82 -23.00
CA CYS A 134 -15.79 36.36 -24.12
C CYS A 134 -15.53 37.84 -24.32
N SER A 141 -10.36 43.47 -12.48
CA SER A 141 -8.98 43.66 -12.05
C SER A 141 -8.14 42.43 -12.37
N THR A 142 -8.71 41.25 -12.14
CA THR A 142 -8.04 39.98 -12.39
C THR A 142 -8.81 39.20 -13.44
N ALA A 143 -8.08 38.70 -14.45
CA ALA A 143 -8.65 37.91 -15.52
C ALA A 143 -7.92 36.58 -15.62
N ALA A 144 -8.58 35.59 -16.23
CA ALA A 144 -8.04 34.25 -16.35
C ALA A 144 -7.90 33.88 -17.82
N LEU A 145 -6.81 33.17 -18.13
CA LEU A 145 -6.56 32.60 -19.44
C LEU A 145 -6.18 31.14 -19.25
N GLY A 146 -6.18 30.39 -20.35
CA GLY A 146 -5.82 28.99 -20.24
C GLY A 146 -5.82 28.30 -21.58
N CYS A 147 -5.44 27.02 -21.54
CA CYS A 147 -5.43 26.15 -22.71
C CYS A 147 -6.11 24.84 -22.36
N LEU A 148 -6.90 24.32 -23.30
CA LEU A 148 -7.58 23.05 -23.14
C LEU A 148 -6.81 21.98 -23.91
N VAL A 149 -6.24 21.01 -23.18
CA VAL A 149 -5.46 19.94 -23.75
C VAL A 149 -6.36 18.71 -23.80
N LYS A 150 -6.79 18.32 -25.01
CA LYS A 150 -7.88 17.39 -25.18
C LYS A 150 -7.48 16.25 -26.10
N ASP A 151 -8.03 15.06 -25.82
CA ASP A 151 -7.94 13.89 -26.70
C ASP A 151 -6.49 13.45 -26.94
N TYR A 152 -5.87 12.94 -25.87
CA TYR A 152 -4.56 12.31 -25.99
C TYR A 152 -4.52 11.03 -25.18
N PHE A 153 -3.66 10.11 -25.61
CA PHE A 153 -3.42 8.81 -24.97
C PHE A 153 -2.00 8.38 -25.31
N PRO A 154 -1.20 7.93 -24.33
CA PRO A 154 -1.52 7.94 -22.90
C PRO A 154 -1.20 9.27 -22.24
N GLU A 155 -1.08 9.26 -20.92
CA GLU A 155 -0.77 10.42 -20.11
C GLU A 155 0.74 10.45 -19.87
N PRO A 156 1.30 11.57 -19.38
CA PRO A 156 0.81 12.94 -19.17
C PRO A 156 1.36 13.95 -20.17
N VAL A 157 0.78 15.15 -20.18
CA VAL A 157 1.30 16.27 -20.93
C VAL A 157 1.89 17.28 -19.95
N THR A 158 3.06 17.82 -20.30
CA THR A 158 3.72 18.83 -19.50
C THR A 158 3.40 20.20 -20.08
N VAL A 159 2.74 21.05 -19.28
CA VAL A 159 2.28 22.35 -19.72
C VAL A 159 3.09 23.42 -19.02
N SER A 160 3.66 24.33 -19.80
CA SER A 160 4.35 25.51 -19.28
C SER A 160 3.83 26.74 -20.01
N TRP A 161 4.05 27.90 -19.39
CA TRP A 161 3.57 29.17 -19.93
C TRP A 161 4.75 30.08 -20.24
N ASN A 162 4.78 30.61 -21.46
CA ASN A 162 5.84 31.51 -21.92
C ASN A 162 7.22 30.88 -21.72
N SER A 163 7.33 29.61 -22.11
CA SER A 163 8.57 28.84 -22.01
C SER A 163 9.08 28.77 -20.58
N GLY A 164 8.17 28.71 -19.62
CA GLY A 164 8.54 28.61 -18.22
C GLY A 164 8.76 29.92 -17.51
N ALA A 165 8.65 31.05 -18.20
CA ALA A 165 8.84 32.34 -17.54
C ALA A 165 7.67 32.68 -16.61
N LEU A 166 6.47 32.23 -16.96
CA LEU A 166 5.27 32.53 -16.17
C LEU A 166 4.92 31.30 -15.32
N THR A 167 5.01 31.44 -14.00
CA THR A 167 4.72 30.36 -13.09
C THR A 167 3.69 30.76 -12.04
N SER A 168 3.71 32.02 -11.63
CA SER A 168 2.80 32.49 -10.59
C SER A 168 1.36 32.49 -11.10
N GLY A 169 0.45 31.97 -10.28
CA GLY A 169 -0.95 31.91 -10.64
C GLY A 169 -1.31 30.83 -11.63
N VAL A 170 -0.40 29.91 -11.92
CA VAL A 170 -0.63 28.86 -12.90
C VAL A 170 -1.18 27.63 -12.19
N HIS A 171 -2.27 27.09 -12.71
CA HIS A 171 -2.89 25.87 -12.18
C HIS A 171 -3.13 24.92 -13.35
N THR A 172 -2.33 23.85 -13.42
CA THR A 172 -2.54 22.79 -14.39
C THR A 172 -3.17 21.61 -13.67
N PHE A 173 -4.35 21.19 -14.13
CA PHE A 173 -5.12 20.28 -13.30
C PHE A 173 -4.82 18.83 -13.65
N PRO A 174 -5.14 17.89 -12.75
CA PRO A 174 -5.08 16.48 -13.13
C PRO A 174 -6.00 16.19 -14.31
N ALA A 175 -5.52 15.37 -15.23
CA ALA A 175 -6.31 15.02 -16.39
C ALA A 175 -7.39 14.02 -16.01
N VAL A 176 -8.48 14.04 -16.77
CA VAL A 176 -9.58 13.12 -16.58
C VAL A 176 -9.69 12.23 -17.82
N LEU A 177 -10.12 10.99 -17.60
CA LEU A 177 -10.30 10.05 -18.69
C LEU A 177 -11.71 10.20 -19.24
N GLN A 178 -11.82 10.55 -20.53
CA GLN A 178 -13.11 10.79 -21.14
C GLN A 178 -13.85 9.48 -21.39
N SER A 179 -15.09 9.60 -21.86
CA SER A 179 -15.86 8.43 -22.27
C SER A 179 -15.25 7.74 -23.47
N SER A 180 -14.56 8.49 -24.33
CA SER A 180 -13.95 7.94 -25.53
C SER A 180 -12.67 7.15 -25.26
N GLY A 181 -12.18 7.16 -24.02
CA GLY A 181 -10.92 6.53 -23.69
C GLY A 181 -9.70 7.42 -23.84
N LEU A 182 -9.89 8.69 -24.18
CA LEU A 182 -8.81 9.65 -24.31
C LEU A 182 -8.79 10.59 -23.11
N TYR A 183 -7.66 11.26 -22.91
CA TYR A 183 -7.45 12.11 -21.75
C TYR A 183 -7.63 13.58 -22.12
N SER A 184 -7.99 14.37 -21.10
CA SER A 184 -8.14 15.81 -21.27
C SER A 184 -7.87 16.50 -19.94
N LEU A 185 -7.21 17.66 -20.02
CA LEU A 185 -6.98 18.49 -18.85
C LEU A 185 -7.01 19.96 -19.27
N SER A 186 -7.10 20.83 -18.27
CA SER A 186 -7.05 22.27 -18.49
C SER A 186 -5.93 22.87 -17.65
N SER A 187 -5.20 23.81 -18.25
CA SER A 187 -4.17 24.57 -17.57
C SER A 187 -4.56 26.04 -17.64
N VAL A 188 -4.65 26.70 -16.48
CA VAL A 188 -5.15 28.06 -16.40
C VAL A 188 -4.14 28.94 -15.69
N VAL A 189 -4.27 30.25 -15.91
CA VAL A 189 -3.43 31.24 -15.26
C VAL A 189 -4.24 32.52 -15.08
N THR A 190 -4.04 33.19 -13.96
CA THR A 190 -4.68 34.46 -13.66
C THR A 190 -3.68 35.59 -13.75
N VAL A 191 -4.01 36.62 -14.52
CA VAL A 191 -3.10 37.74 -14.78
C VAL A 191 -3.84 39.04 -14.55
N PRO A 192 -3.12 40.12 -14.29
CA PRO A 192 -3.78 41.43 -14.19
C PRO A 192 -4.49 41.79 -15.49
N SER A 193 -5.67 42.39 -15.35
CA SER A 193 -6.47 42.77 -16.52
C SER A 193 -5.82 43.85 -17.35
N SER A 194 -4.91 44.65 -16.76
CA SER A 194 -4.27 45.73 -17.49
C SER A 194 -3.30 45.24 -18.55
N SER A 195 -2.96 43.95 -18.56
CA SER A 195 -2.07 43.40 -19.58
C SER A 195 -2.86 42.95 -20.80
N LYS A 199 0.87 42.46 -23.84
CA LYS A 199 1.47 41.29 -23.21
C LYS A 199 0.93 40.00 -23.82
N THR A 200 1.84 39.14 -24.27
CA THR A 200 1.47 37.88 -24.91
C THR A 200 1.54 36.74 -23.90
N TYR A 201 0.65 35.76 -24.07
CA TYR A 201 0.61 34.57 -23.23
C TYR A 201 0.54 33.35 -24.12
N THR A 202 1.48 32.42 -23.95
CA THR A 202 1.56 31.22 -24.76
C THR A 202 1.79 30.02 -23.85
N CYS A 203 0.96 28.99 -24.01
CA CYS A 203 1.12 27.75 -23.27
C CYS A 203 1.91 26.75 -24.12
N ASN A 204 2.80 26.02 -23.46
CA ASN A 204 3.69 25.08 -24.13
C ASN A 204 3.30 23.67 -23.71
N VAL A 205 2.73 22.91 -24.65
CA VAL A 205 2.20 21.58 -24.38
C VAL A 205 3.12 20.56 -25.01
N ASP A 206 3.52 19.55 -24.23
CA ASP A 206 4.38 18.48 -24.72
C ASP A 206 3.73 17.15 -24.36
N HIS A 207 3.42 16.36 -25.39
CA HIS A 207 2.96 14.98 -25.22
C HIS A 207 4.00 14.09 -25.91
N LYS A 208 5.03 13.71 -25.16
CA LYS A 208 6.20 13.02 -25.68
C LYS A 208 5.92 11.60 -26.19
N PRO A 209 4.94 10.86 -25.65
CA PRO A 209 4.60 9.58 -26.30
C PRO A 209 4.24 9.71 -27.77
N SER A 210 3.59 10.79 -28.16
CA SER A 210 3.22 11.01 -29.56
C SER A 210 4.14 12.00 -30.26
N ASN A 211 5.21 12.45 -29.60
CA ASN A 211 6.13 13.44 -30.16
C ASN A 211 5.37 14.70 -30.59
N THR A 212 4.49 15.18 -29.72
CA THR A 212 3.64 16.33 -29.98
C THR A 212 4.09 17.48 -29.11
N LYS A 213 4.60 18.55 -29.75
CA LYS A 213 4.94 19.80 -29.07
C LYS A 213 4.16 20.91 -29.75
N VAL A 214 3.23 21.52 -29.02
CA VAL A 214 2.39 22.59 -29.54
C VAL A 214 2.57 23.82 -28.65
N ASP A 215 2.88 24.95 -29.28
CA ASP A 215 2.97 26.24 -28.60
C ASP A 215 1.75 27.05 -29.02
N LYS A 216 0.82 27.25 -28.08
CA LYS A 216 -0.46 27.87 -28.37
C LYS A 216 -0.53 29.24 -27.69
N ARG A 217 -0.80 30.28 -28.47
CA ARG A 217 -0.90 31.64 -27.97
C ARG A 217 -2.37 31.98 -27.73
N VAL A 218 -2.66 32.51 -26.54
CA VAL A 218 -4.03 32.72 -26.08
C VAL A 218 -4.22 34.18 -25.72
N GLU A 219 -5.36 34.75 -26.13
CA GLU A 219 -5.67 36.14 -25.84
C GLU A 219 -7.17 36.40 -25.99
N GLU B 1 -14.34 -11.69 6.35
CA GLU B 1 -13.26 -10.75 6.61
C GLU B 1 -13.55 -9.85 7.80
N ILE B 2 -12.50 -9.34 8.43
CA ILE B 2 -12.61 -8.25 9.39
C ILE B 2 -12.54 -6.95 8.59
N VAL B 3 -13.67 -6.27 8.46
CA VAL B 3 -13.75 -5.04 7.69
C VAL B 3 -13.38 -3.87 8.59
N LEU B 4 -12.41 -3.08 8.16
CA LEU B 4 -11.89 -1.96 8.94
C LEU B 4 -12.52 -0.67 8.42
N THR B 5 -13.24 0.03 9.29
CA THR B 5 -13.87 1.30 8.95
C THR B 5 -13.10 2.42 9.64
N GLN B 6 -12.57 3.35 8.85
CA GLN B 6 -11.84 4.50 9.37
C GLN B 6 -12.70 5.76 9.30
N SER B 7 -12.63 6.55 10.38
CA SER B 7 -13.37 7.77 10.51
C SER B 7 -12.50 8.82 11.19
N PRO B 8 -12.58 10.10 10.78
CA PRO B 8 -13.41 10.58 9.67
C PRO B 8 -12.79 10.28 8.31
N GLY B 9 -13.57 10.44 7.23
CA GLY B 9 -13.00 10.31 5.90
C GLY B 9 -11.92 11.33 5.64
N THR B 10 -12.15 12.57 6.08
CA THR B 10 -11.17 13.64 5.97
C THR B 10 -11.10 14.38 7.30
N LEU B 11 -9.88 14.58 7.80
CA LEU B 11 -9.64 15.31 9.04
C LEU B 11 -8.87 16.58 8.70
N SER B 12 -9.50 17.73 8.96
CA SER B 12 -8.93 19.02 8.62
C SER B 12 -8.43 19.70 9.90
N LEU B 13 -7.13 19.96 9.96
CA LEU B 13 -6.52 20.50 11.16
C LEU B 13 -5.36 21.41 10.77
N SER B 14 -4.95 22.25 11.73
CA SER B 14 -3.82 23.16 11.58
C SER B 14 -2.54 22.51 12.09
N PRO B 15 -1.38 22.98 11.61
CA PRO B 15 -0.11 22.45 12.14
C PRO B 15 0.01 22.72 13.64
N GLY B 16 0.57 21.73 14.35
CA GLY B 16 0.73 21.82 15.78
C GLY B 16 -0.44 21.30 16.60
N GLU B 17 -1.53 20.90 15.95
CA GLU B 17 -2.71 20.40 16.66
C GLU B 17 -2.65 18.88 16.79
N ARG B 18 -3.36 18.38 17.80
CA ARG B 18 -3.51 16.93 17.98
C ARG B 18 -4.45 16.37 16.93
N ALA B 19 -4.06 15.24 16.34
CA ALA B 19 -4.88 14.51 15.39
C ALA B 19 -5.17 13.13 15.94
N THR B 20 -6.45 12.77 16.00
CA THR B 20 -6.88 11.45 16.45
C THR B 20 -7.61 10.76 15.31
N LEU B 21 -7.08 9.62 14.88
CA LEU B 21 -7.62 8.85 13.78
C LEU B 21 -8.17 7.53 14.30
N SER B 22 -9.36 7.15 13.85
CA SER B 22 -10.07 5.99 14.36
C SER B 22 -10.08 4.88 13.33
N CYS B 23 -9.90 3.64 13.79
CA CYS B 23 -10.01 2.45 12.97
C CYS B 23 -10.91 1.46 13.69
N ARG B 24 -12.14 1.31 13.20
CA ARG B 24 -13.11 0.39 13.77
C ARG B 24 -13.10 -0.91 13.00
N ALA B 25 -13.11 -2.03 13.71
CA ALA B 25 -13.08 -3.35 13.11
C ALA B 25 -14.42 -4.05 13.33
N SER B 26 -14.91 -4.70 12.28
CA SER B 26 -16.18 -5.42 12.37
C SER B 26 -16.08 -6.60 13.35
N GLN B 27 -14.89 -7.17 13.52
CA GLN B 27 -14.66 -8.24 14.46
C GLN B 27 -13.49 -7.88 15.36
N SER B 28 -13.42 -8.55 16.50
CA SER B 28 -12.30 -8.34 17.42
C SER B 28 -10.99 -8.75 16.76
N VAL B 29 -9.97 -7.91 16.91
CA VAL B 29 -8.66 -8.16 16.35
C VAL B 29 -7.77 -8.74 17.44
N SER B 30 -7.34 -9.98 17.26
CA SER B 30 -6.63 -10.70 18.31
C SER B 30 -5.26 -10.08 18.57
N SER B 31 -4.88 -10.03 19.84
CA SER B 31 -3.56 -9.62 20.30
C SER B 31 -3.19 -8.21 19.87
N SER B 32 -4.20 -7.36 19.60
CA SER B 32 -3.98 -5.99 19.13
C SER B 32 -3.11 -5.97 17.88
N TYR B 33 -3.35 -6.94 16.98
CA TYR B 33 -2.57 -7.06 15.75
C TYR B 33 -3.14 -6.12 14.69
N LEU B 34 -2.81 -4.83 14.84
CA LEU B 34 -3.22 -3.83 13.87
C LEU B 34 -2.06 -2.87 13.64
N ALA B 35 -1.84 -2.52 12.37
CA ALA B 35 -0.74 -1.66 11.96
C ALA B 35 -1.28 -0.42 11.27
N TRP B 36 -0.47 0.65 11.30
CA TRP B 36 -0.81 1.92 10.69
C TRP B 36 0.26 2.29 9.66
N TYR B 37 -0.19 2.79 8.51
CA TYR B 37 0.70 3.22 7.44
C TYR B 37 0.40 4.66 7.06
N GLN B 38 1.45 5.35 6.60
CA GLN B 38 1.33 6.69 6.04
C GLN B 38 1.59 6.64 4.54
N GLN B 39 0.74 7.32 3.77
CA GLN B 39 0.93 7.41 2.33
C GLN B 39 0.70 8.84 1.87
N LYS B 40 1.62 9.35 1.06
CA LYS B 40 1.52 10.63 0.41
C LYS B 40 1.29 10.43 -1.09
N PRO B 41 0.67 11.39 -1.77
CA PRO B 41 0.33 11.18 -3.19
C PRO B 41 1.57 10.86 -4.02
N GLY B 42 1.46 9.83 -4.85
CA GLY B 42 2.56 9.40 -5.69
C GLY B 42 3.64 8.60 -4.98
N GLN B 43 3.41 8.21 -3.72
CA GLN B 43 4.42 7.49 -2.94
C GLN B 43 3.82 6.22 -2.37
N ALA B 44 4.71 5.29 -2.01
CA ALA B 44 4.31 4.04 -1.39
C ALA B 44 3.96 4.24 0.07
N PRO B 45 3.13 3.35 0.64
CA PRO B 45 2.85 3.43 2.07
C PRO B 45 4.11 3.22 2.90
N ARG B 46 4.15 3.87 4.06
CA ARG B 46 5.28 3.79 4.97
C ARG B 46 4.80 3.29 6.33
N LEU B 47 5.51 2.29 6.86
CA LEU B 47 5.09 1.70 8.13
C LEU B 47 5.30 2.68 9.29
N LEU B 48 4.34 2.66 10.20
CA LEU B 48 4.23 3.50 11.39
C LEU B 48 3.85 2.54 12.50
N ILE B 49 3.10 3.02 13.49
CA ILE B 49 2.65 2.22 14.62
C ILE B 49 2.23 0.82 14.18
N TYR B 50 2.73 -0.20 14.89
CA TYR B 50 2.35 -1.59 14.67
C TYR B 50 2.10 -2.21 16.04
N GLY B 51 1.55 -3.43 16.05
CA GLY B 51 1.10 -4.00 17.31
C GLY B 51 0.09 -3.13 18.01
N ALA B 52 -0.51 -2.19 17.25
CA ALA B 52 -1.48 -1.21 17.70
C ALA B 52 -0.89 -0.17 18.63
N SER B 53 0.33 -0.37 19.12
CA SER B 53 0.95 0.67 19.96
C SER B 53 2.45 0.81 19.78
N SER B 54 3.10 0.06 18.90
CA SER B 54 4.55 0.04 18.84
C SER B 54 5.06 0.74 17.59
N ARG B 55 5.98 1.68 17.77
CA ARG B 55 6.50 2.46 16.65
C ARG B 55 7.44 1.62 15.79
N ALA B 56 7.37 1.82 14.49
CA ALA B 56 8.38 1.29 13.60
C ALA B 56 9.68 2.09 13.74
N THR B 57 10.78 1.48 13.33
CA THR B 57 12.07 2.15 13.42
C THR B 57 12.09 3.38 12.52
N GLY B 58 12.62 4.48 13.05
CA GLY B 58 12.66 5.74 12.34
C GLY B 58 11.45 6.63 12.52
N ILE B 59 10.42 6.16 13.24
CA ILE B 59 9.18 6.90 13.42
C ILE B 59 9.28 7.79 14.65
N PRO B 60 9.02 9.09 14.55
CA PRO B 60 9.17 9.98 15.69
C PRO B 60 8.13 9.71 16.77
N ASP B 61 8.40 10.26 17.96
CA ASP B 61 7.59 9.96 19.13
C ASP B 61 6.19 10.55 19.07
N ARG B 62 5.96 11.58 18.26
CA ARG B 62 4.64 12.18 18.20
C ARG B 62 3.60 11.22 17.63
N PHE B 63 4.03 10.19 16.90
CA PHE B 63 3.12 9.14 16.45
C PHE B 63 2.98 8.09 17.54
N SER B 64 1.74 7.86 17.98
CA SER B 64 1.46 6.84 18.98
C SER B 64 0.14 6.16 18.64
N GLY B 65 0.03 4.89 19.04
CA GLY B 65 -1.19 4.14 18.80
C GLY B 65 -1.79 3.58 20.08
N SER B 66 -3.09 3.31 20.05
CA SER B 66 -3.78 2.78 21.22
C SER B 66 -5.03 2.05 20.77
N GLY B 67 -5.59 1.26 21.67
CA GLY B 67 -6.81 0.53 21.41
C GLY B 67 -6.61 -0.97 21.50
N SER B 68 -7.75 -1.67 21.52
CA SER B 68 -7.77 -3.13 21.57
C SER B 68 -9.15 -3.59 21.14
N GLY B 69 -9.26 -4.88 20.87
CA GLY B 69 -10.53 -5.46 20.49
C GLY B 69 -11.03 -4.99 19.13
N THR B 70 -12.05 -4.14 19.13
CA THR B 70 -12.70 -3.70 17.91
C THR B 70 -12.48 -2.23 17.60
N ASP B 71 -11.66 -1.53 18.40
CA ASP B 71 -11.48 -0.09 18.24
C ASP B 71 -10.03 0.26 18.49
N PHE B 72 -9.39 0.87 17.48
CA PHE B 72 -8.01 1.32 17.58
C PHE B 72 -7.93 2.77 17.14
N THR B 73 -6.95 3.49 17.71
CA THR B 73 -6.76 4.90 17.41
C THR B 73 -5.30 5.17 17.09
N LEU B 74 -5.07 6.06 16.13
CA LEU B 74 -3.76 6.60 15.83
C LEU B 74 -3.74 8.09 16.20
N THR B 75 -2.77 8.48 17.01
CA THR B 75 -2.69 9.83 17.54
C THR B 75 -1.42 10.51 17.05
N ILE B 76 -1.57 11.69 16.46
CA ILE B 76 -0.45 12.56 16.13
C ILE B 76 -0.54 13.75 17.08
N SER B 77 0.32 13.75 18.10
CA SER B 77 0.20 14.72 19.19
C SER B 77 0.35 16.15 18.69
N ARG B 78 1.32 16.39 17.82
CA ARG B 78 1.54 17.71 17.23
C ARG B 78 1.76 17.55 15.73
N LEU B 79 0.79 17.98 14.94
CA LEU B 79 0.92 17.89 13.48
C LEU B 79 2.00 18.83 12.97
N GLU B 80 2.69 18.38 11.95
CA GLU B 80 3.69 19.14 11.21
C GLU B 80 3.37 19.04 9.74
N PRO B 81 3.89 19.96 8.91
CA PRO B 81 3.54 19.94 7.48
C PRO B 81 3.82 18.60 6.81
N GLU B 82 4.83 17.87 7.26
CA GLU B 82 5.12 16.55 6.73
C GLU B 82 4.08 15.51 7.14
N ASP B 83 3.21 15.81 8.11
CA ASP B 83 2.27 14.83 8.63
C ASP B 83 0.93 14.81 7.91
N PHE B 84 0.68 15.78 7.02
CA PHE B 84 -0.60 15.85 6.33
C PHE B 84 -0.59 14.88 5.15
N ALA B 85 -1.29 13.77 5.29
CA ALA B 85 -1.30 12.71 4.28
C ALA B 85 -2.48 11.79 4.57
N VAL B 86 -2.53 10.66 3.87
CA VAL B 86 -3.56 9.64 4.05
C VAL B 86 -2.97 8.51 4.89
N TYR B 87 -3.73 8.07 5.89
CA TYR B 87 -3.30 7.02 6.80
C TYR B 87 -4.22 5.80 6.67
N TYR B 88 -3.62 4.62 6.68
CA TYR B 88 -4.34 3.36 6.56
C TYR B 88 -4.08 2.50 7.79
N CYS B 89 -5.09 1.73 8.19
CA CYS B 89 -4.97 0.77 9.26
C CYS B 89 -5.13 -0.64 8.69
N GLN B 90 -4.34 -1.58 9.22
CA GLN B 90 -4.27 -2.93 8.67
C GLN B 90 -4.23 -3.93 9.80
N GLN B 91 -5.17 -4.87 9.81
CA GLN B 91 -5.24 -5.90 10.84
C GLN B 91 -4.62 -7.19 10.31
N TYR B 92 -3.94 -7.92 11.20
CA TYR B 92 -3.38 -9.22 10.87
C TYR B 92 -3.60 -10.23 12.00
N GLY B 93 -4.72 -10.08 12.71
CA GLY B 93 -5.08 -11.03 13.75
C GLY B 93 -5.88 -12.20 13.23
N SER B 94 -6.57 -12.00 12.10
CA SER B 94 -7.35 -13.07 11.49
C SER B 94 -7.20 -13.01 9.98
N SER B 95 -6.98 -14.17 9.37
CA SER B 95 -6.93 -14.28 7.91
C SER B 95 -8.34 -14.25 7.33
N PRO B 96 -8.54 -13.63 6.16
CA PRO B 96 -7.53 -12.87 5.40
C PRO B 96 -7.31 -11.48 5.97
N TRP B 97 -6.20 -10.85 5.58
CA TRP B 97 -5.77 -9.59 6.16
C TRP B 97 -6.31 -8.42 5.32
N THR B 98 -6.87 -7.43 6.00
CA THR B 98 -7.60 -6.35 5.35
C THR B 98 -7.07 -5.00 5.78
N PHE B 99 -7.30 -4.00 4.92
CA PHE B 99 -6.95 -2.61 5.18
C PHE B 99 -8.20 -1.78 5.40
N GLY B 100 -8.00 -0.60 6.01
CA GLY B 100 -9.03 0.42 6.02
C GLY B 100 -9.06 1.18 4.70
N GLN B 101 -10.11 2.00 4.54
CA GLN B 101 -10.28 2.71 3.28
C GLN B 101 -9.41 3.97 3.18
N GLY B 102 -8.90 4.47 4.30
CA GLY B 102 -8.05 5.64 4.27
C GLY B 102 -8.64 6.87 4.92
N THR B 103 -7.88 7.50 5.81
CA THR B 103 -8.23 8.78 6.41
C THR B 103 -7.19 9.81 5.96
N LYS B 104 -7.66 10.89 5.34
CA LYS B 104 -6.79 11.94 4.86
C LYS B 104 -6.75 13.08 5.88
N VAL B 105 -5.55 13.45 6.31
CA VAL B 105 -5.36 14.56 7.22
C VAL B 105 -5.06 15.80 6.39
N GLU B 106 -5.86 16.84 6.56
CA GLU B 106 -5.87 17.98 5.65
C GLU B 106 -5.42 19.25 6.37
N ILE B 107 -4.77 20.14 5.60
CA ILE B 107 -4.47 21.48 6.09
C ILE B 107 -5.75 22.30 6.15
N LYS B 108 -5.73 23.36 6.95
CA LYS B 108 -6.94 24.13 7.23
C LYS B 108 -6.60 25.62 7.30
N ARG B 109 -7.48 26.46 6.75
CA ARG B 109 -7.29 27.90 6.76
C ARG B 109 -8.65 28.58 6.65
N THR B 110 -8.62 29.91 6.73
CA THR B 110 -9.85 30.69 6.71
C THR B 110 -10.55 30.55 5.36
N VAL B 111 -11.87 30.39 5.42
CA VAL B 111 -12.66 30.09 4.23
C VAL B 111 -12.51 31.19 3.19
N ALA B 112 -12.18 30.80 1.96
CA ALA B 112 -11.99 31.73 0.86
C ALA B 112 -12.97 31.39 -0.25
N ALA B 113 -13.72 32.39 -0.71
CA ALA B 113 -14.67 32.17 -1.78
C ALA B 113 -13.94 32.02 -3.12
N PRO B 114 -14.43 31.17 -4.01
CA PRO B 114 -13.75 30.99 -5.29
C PRO B 114 -13.92 32.19 -6.21
N SER B 115 -12.91 32.43 -7.04
CA SER B 115 -13.00 33.37 -8.15
C SER B 115 -13.41 32.57 -9.39
N VAL B 116 -14.56 32.92 -9.96
CA VAL B 116 -15.20 32.09 -10.97
C VAL B 116 -15.04 32.75 -12.34
N PHE B 117 -14.51 32.00 -13.30
CA PHE B 117 -14.39 32.43 -14.67
C PHE B 117 -14.97 31.35 -15.59
N ILE B 118 -15.56 31.78 -16.70
CA ILE B 118 -16.15 30.89 -17.68
C ILE B 118 -15.50 31.16 -19.03
N PHE B 119 -15.28 30.10 -19.81
CA PHE B 119 -14.59 30.19 -21.09
C PHE B 119 -15.47 29.61 -22.20
N PRO B 120 -15.78 30.38 -23.24
CA PRO B 120 -16.52 29.82 -24.37
C PRO B 120 -15.63 28.91 -25.20
N PRO B 121 -16.21 27.99 -25.97
CA PRO B 121 -15.40 27.18 -26.88
C PRO B 121 -14.79 28.03 -27.98
N SER B 122 -13.59 27.65 -28.41
CA SER B 122 -12.88 28.39 -29.43
C SER B 122 -13.41 28.07 -30.81
N ASP B 123 -13.09 28.94 -31.78
CA ASP B 123 -13.50 28.68 -33.15
C ASP B 123 -12.75 27.51 -33.76
N GLU B 124 -11.53 27.23 -33.30
CA GLU B 124 -10.81 26.04 -33.75
C GLU B 124 -11.55 24.77 -33.34
N GLN B 125 -11.97 24.69 -32.08
CA GLN B 125 -12.65 23.49 -31.60
C GLN B 125 -13.99 23.30 -32.29
N LEU B 126 -14.72 24.39 -32.51
CA LEU B 126 -15.99 24.29 -33.22
C LEU B 126 -15.79 23.78 -34.64
N LYS B 127 -14.64 24.06 -35.25
CA LYS B 127 -14.35 23.55 -36.58
C LYS B 127 -14.33 22.04 -36.61
N SER B 128 -13.96 21.40 -35.50
CA SER B 128 -13.87 19.95 -35.42
C SER B 128 -15.17 19.29 -34.99
N GLY B 129 -16.23 20.07 -34.78
CA GLY B 129 -17.53 19.51 -34.47
C GLY B 129 -17.82 19.29 -32.99
N THR B 130 -16.93 19.71 -32.10
CA THR B 130 -17.14 19.56 -30.67
C THR B 130 -17.02 20.93 -30.01
N ALA B 131 -17.82 21.15 -28.96
CA ALA B 131 -17.78 22.40 -28.21
C ALA B 131 -17.56 22.07 -26.74
N SER B 132 -16.51 22.64 -26.16
CA SER B 132 -16.21 22.49 -24.74
C SER B 132 -16.31 23.84 -24.06
N VAL B 133 -17.09 23.90 -23.00
CA VAL B 133 -17.25 25.12 -22.20
C VAL B 133 -16.64 24.85 -20.83
N VAL B 134 -15.72 25.72 -20.41
CA VAL B 134 -14.90 25.50 -19.23
C VAL B 134 -15.25 26.53 -18.17
N CYS B 135 -15.42 26.06 -16.94
CA CYS B 135 -15.67 26.92 -15.78
C CYS B 135 -14.55 26.73 -14.78
N LEU B 136 -13.94 27.84 -14.35
CA LEU B 136 -12.81 27.82 -13.43
C LEU B 136 -13.23 28.34 -12.07
N LEU B 137 -12.86 27.61 -11.02
CA LEU B 137 -13.04 28.02 -9.63
C LEU B 137 -11.65 28.05 -9.00
N ASN B 138 -11.18 29.23 -8.65
CA ASN B 138 -9.79 29.41 -8.22
C ASN B 138 -9.71 29.87 -6.77
N ASN B 139 -8.74 29.32 -6.04
CA ASN B 139 -8.42 29.73 -4.67
C ASN B 139 -9.64 29.70 -3.75
N PHE B 140 -10.13 28.48 -3.51
CA PHE B 140 -11.27 28.30 -2.62
C PHE B 140 -10.97 27.26 -1.56
N TYR B 141 -11.61 27.43 -0.40
CA TYR B 141 -11.54 26.51 0.73
C TYR B 141 -12.82 26.75 1.52
N PRO B 142 -13.52 25.70 1.96
CA PRO B 142 -13.16 24.28 1.89
C PRO B 142 -13.28 23.68 0.49
N ARG B 143 -12.76 22.46 0.33
CA ARG B 143 -12.75 21.82 -0.97
C ARG B 143 -14.16 21.62 -1.53
N GLU B 144 -15.15 21.48 -0.66
CA GLU B 144 -16.50 21.18 -1.11
C GLU B 144 -17.10 22.36 -1.87
N ALA B 145 -17.56 22.10 -3.08
CA ALA B 145 -18.22 23.10 -3.91
C ALA B 145 -19.13 22.40 -4.89
N LYS B 146 -20.14 23.13 -5.37
CA LYS B 146 -21.11 22.60 -6.32
C LYS B 146 -21.09 23.45 -7.59
N VAL B 147 -20.89 22.80 -8.73
CA VAL B 147 -20.89 23.45 -10.03
C VAL B 147 -22.11 22.97 -10.80
N GLN B 148 -22.93 23.92 -11.25
CA GLN B 148 -24.13 23.63 -12.03
C GLN B 148 -24.01 24.27 -13.39
N TRP B 149 -24.21 23.48 -14.44
CA TRP B 149 -24.22 23.97 -15.81
C TRP B 149 -25.66 24.18 -16.26
N LYS B 150 -25.94 25.37 -16.81
CA LYS B 150 -27.26 25.69 -17.33
C LYS B 150 -27.13 26.19 -18.76
N VAL B 151 -27.92 25.62 -19.66
CA VAL B 151 -27.94 25.99 -21.06
C VAL B 151 -29.35 26.46 -21.38
N ASP B 152 -29.52 27.78 -21.52
CA ASP B 152 -30.84 28.40 -21.63
C ASP B 152 -31.71 28.01 -20.43
N ASN B 153 -31.11 28.08 -19.25
CA ASN B 153 -31.77 27.73 -17.99
C ASN B 153 -32.21 26.28 -17.95
N ALA B 154 -31.54 25.41 -18.71
CA ALA B 154 -31.77 23.97 -18.66
C ALA B 154 -30.58 23.33 -17.97
N LEU B 155 -30.84 22.67 -16.84
CA LEU B 155 -29.76 22.05 -16.06
C LEU B 155 -29.12 20.92 -16.86
N GLN B 156 -27.80 20.89 -16.86
CA GLN B 156 -27.03 19.89 -17.58
C GLN B 156 -26.48 18.87 -16.60
N SER B 157 -26.75 17.59 -16.84
CA SER B 157 -26.33 16.52 -15.95
C SER B 157 -25.72 15.39 -16.76
N GLY B 158 -24.59 14.87 -16.30
CA GLY B 158 -23.93 13.75 -16.93
C GLY B 158 -23.05 14.09 -18.12
N ASN B 159 -23.00 15.36 -18.52
CA ASN B 159 -22.21 15.79 -19.67
C ASN B 159 -21.07 16.73 -19.28
N SER B 160 -20.65 16.68 -18.01
CA SER B 160 -19.52 17.47 -17.54
C SER B 160 -18.65 16.60 -16.66
N GLN B 161 -17.37 16.95 -16.59
CA GLN B 161 -16.39 16.20 -15.82
C GLN B 161 -15.42 17.18 -15.17
N GLU B 162 -15.43 17.24 -13.84
CA GLU B 162 -14.67 18.21 -13.09
C GLU B 162 -13.30 17.66 -12.70
N SER B 163 -12.41 18.58 -12.34
CA SER B 163 -11.06 18.24 -11.89
C SER B 163 -10.65 19.22 -10.79
N VAL B 164 -9.96 18.70 -9.78
CA VAL B 164 -9.55 19.49 -8.62
C VAL B 164 -8.06 19.29 -8.39
N THR B 165 -7.34 20.40 -8.21
CA THR B 165 -5.92 20.32 -7.89
C THR B 165 -5.71 19.90 -6.44
N GLU B 166 -4.49 19.47 -6.14
CA GLU B 166 -4.10 19.25 -4.76
C GLU B 166 -4.03 20.59 -4.03
N GLN B 167 -4.12 20.54 -2.70
CA GLN B 167 -4.13 21.76 -1.91
C GLN B 167 -2.83 22.53 -2.12
N ASP B 168 -2.97 23.83 -2.37
CA ASP B 168 -1.85 24.64 -2.86
C ASP B 168 -0.75 24.77 -1.83
N SER B 169 0.48 24.94 -2.32
CA SER B 169 1.64 24.99 -1.44
C SER B 169 1.66 26.25 -0.58
N LYS B 170 1.34 27.41 -1.15
CA LYS B 170 1.55 28.67 -0.44
C LYS B 170 0.33 29.14 0.33
N ASP B 171 -0.87 29.05 -0.26
CA ASP B 171 -2.07 29.59 0.37
C ASP B 171 -3.07 28.52 0.78
N SER B 172 -2.73 27.24 0.64
CA SER B 172 -3.54 26.13 1.14
C SER B 172 -4.94 26.11 0.55
N THR B 173 -5.09 26.62 -0.67
CA THR B 173 -6.38 26.62 -1.36
C THR B 173 -6.43 25.51 -2.40
N TYR B 174 -7.63 25.32 -2.95
CA TYR B 174 -7.86 24.40 -4.05
C TYR B 174 -8.32 25.17 -5.28
N SER B 175 -8.34 24.48 -6.42
CA SER B 175 -8.87 25.03 -7.65
C SER B 175 -9.63 23.95 -8.40
N LEU B 176 -10.70 24.34 -9.09
CA LEU B 176 -11.57 23.41 -9.77
C LEU B 176 -11.84 23.88 -11.19
N SER B 177 -11.87 22.92 -12.13
CA SER B 177 -12.23 23.17 -13.51
C SER B 177 -13.32 22.19 -13.92
N SER B 178 -14.41 22.72 -14.46
CA SER B 178 -15.51 21.92 -14.97
C SER B 178 -15.64 22.16 -16.47
N THR B 179 -15.60 21.09 -17.25
CA THR B 179 -15.68 21.17 -18.70
C THR B 179 -17.02 20.60 -19.16
N LEU B 180 -17.85 21.45 -19.76
CA LEU B 180 -19.11 21.02 -20.34
C LEU B 180 -18.86 20.67 -21.81
N THR B 181 -19.06 19.39 -22.15
CA THR B 181 -18.78 18.89 -23.49
C THR B 181 -20.09 18.76 -24.25
N LEU B 182 -20.17 19.42 -25.40
CA LEU B 182 -21.36 19.39 -26.24
C LEU B 182 -20.95 19.20 -27.69
N SER B 183 -21.85 18.61 -28.46
CA SER B 183 -21.66 18.59 -29.91
C SER B 183 -21.83 19.98 -30.47
N LYS B 184 -21.21 20.22 -31.63
CA LYS B 184 -21.35 21.52 -32.28
C LYS B 184 -22.81 21.82 -32.62
N ALA B 185 -23.55 20.79 -33.02
CA ALA B 185 -24.96 20.98 -33.35
C ALA B 185 -25.74 21.47 -32.14
N ASP B 186 -25.52 20.86 -30.97
CA ASP B 186 -26.17 21.32 -29.76
C ASP B 186 -25.74 22.74 -29.42
N TYR B 187 -24.44 23.04 -29.57
CA TYR B 187 -23.94 24.35 -29.18
C TYR B 187 -24.60 25.47 -29.98
N GLU B 188 -24.78 25.25 -31.29
CA GLU B 188 -25.36 26.28 -32.14
C GLU B 188 -26.86 26.45 -31.91
N LYS B 189 -27.51 25.49 -31.24
CA LYS B 189 -28.95 25.52 -31.03
C LYS B 189 -29.34 26.25 -29.75
N HIS B 190 -28.39 26.82 -29.02
CA HIS B 190 -28.67 27.51 -27.78
C HIS B 190 -27.83 28.77 -27.70
N LYS B 191 -28.21 29.67 -26.79
CA LYS B 191 -27.58 30.98 -26.68
C LYS B 191 -26.84 31.18 -25.36
N VAL B 192 -27.52 31.00 -24.23
CA VAL B 192 -26.98 31.37 -22.93
C VAL B 192 -26.36 30.14 -22.28
N TYR B 193 -25.07 30.25 -21.94
CA TYR B 193 -24.34 29.21 -21.23
C TYR B 193 -23.84 29.80 -19.92
N ALA B 194 -24.24 29.18 -18.81
CA ALA B 194 -23.96 29.73 -17.48
C ALA B 194 -23.35 28.66 -16.58
N CYS B 195 -22.38 29.07 -15.78
CA CYS B 195 -21.81 28.24 -14.72
C CYS B 195 -22.21 28.84 -13.38
N GLU B 196 -22.95 28.09 -12.58
CA GLU B 196 -23.43 28.55 -11.29
C GLU B 196 -22.73 27.75 -10.19
N VAL B 197 -22.16 28.47 -9.22
CA VAL B 197 -21.30 27.88 -8.20
C VAL B 197 -21.93 28.12 -6.83
N THR B 198 -22.09 27.05 -6.07
CA THR B 198 -22.51 27.13 -4.67
C THR B 198 -21.32 26.73 -3.79
N HIS B 199 -20.97 27.59 -2.85
CA HIS B 199 -19.81 27.36 -2.01
C HIS B 199 -20.07 27.98 -0.63
N GLN B 200 -19.48 27.38 0.39
CA GLN B 200 -19.70 27.81 1.77
C GLN B 200 -19.10 29.18 2.07
N GLY B 201 -18.23 29.69 1.21
CA GLY B 201 -17.76 31.05 1.30
C GLY B 201 -18.61 32.06 0.56
N LEU B 202 -19.68 31.62 -0.07
CA LEU B 202 -20.58 32.47 -0.85
C LEU B 202 -21.96 32.48 -0.20
N SER B 203 -22.50 33.68 0.01
CA SER B 203 -23.86 33.78 0.53
C SER B 203 -24.88 33.26 -0.48
N SER B 204 -24.73 33.64 -1.74
CA SER B 204 -25.60 33.22 -2.82
C SER B 204 -24.77 32.72 -3.99
N PRO B 205 -25.31 31.81 -4.79
CA PRO B 205 -24.54 31.26 -5.91
C PRO B 205 -24.18 32.33 -6.93
N VAL B 206 -22.90 32.32 -7.34
CA VAL B 206 -22.40 33.19 -8.40
C VAL B 206 -22.61 32.48 -9.73
N THR B 207 -23.03 33.23 -10.75
CA THR B 207 -23.40 32.66 -12.05
C THR B 207 -22.67 33.42 -13.15
N LYS B 208 -21.54 32.89 -13.60
CA LYS B 208 -20.82 33.46 -14.73
C LYS B 208 -21.36 32.87 -16.02
N SER B 209 -21.67 33.74 -16.98
CA SER B 209 -22.34 33.31 -18.20
C SER B 209 -21.85 34.15 -19.38
N PHE B 210 -22.18 33.67 -20.58
CA PHE B 210 -21.91 34.40 -21.81
C PHE B 210 -22.99 34.02 -22.82
N ASN B 211 -23.09 34.83 -23.87
CA ASN B 211 -24.00 34.58 -24.98
C ASN B 211 -23.19 34.12 -26.19
N ARG B 212 -23.67 33.05 -26.83
CA ARG B 212 -22.91 32.40 -27.90
C ARG B 212 -22.61 33.37 -29.04
N GLY B 213 -23.62 34.10 -29.51
CA GLY B 213 -23.45 34.97 -30.64
C GLY B 213 -22.76 36.29 -30.36
N GLU B 214 -22.32 36.51 -29.12
CA GLU B 214 -21.75 37.79 -28.71
C GLU B 214 -20.27 37.66 -28.34
N CYS B 215 -19.59 36.64 -28.83
CA CYS B 215 -18.18 36.43 -28.51
C CYS B 215 -17.30 36.54 -29.76
N GLY C 1 31.17 -18.43 30.94
CA GLY C 1 31.77 -19.50 30.15
C GLY C 1 30.80 -20.13 29.18
N VAL C 2 31.26 -21.20 28.52
CA VAL C 2 30.46 -21.93 27.54
C VAL C 2 30.41 -23.39 27.96
N PHE C 3 29.20 -23.95 28.03
CA PHE C 3 29.01 -25.34 28.42
C PHE C 3 28.17 -26.05 27.36
N ASN C 4 28.66 -27.17 26.88
CA ASN C 4 27.97 -27.96 25.88
C ASN C 4 27.29 -29.16 26.54
N TYR C 5 26.15 -29.56 25.97
CA TYR C 5 25.38 -30.70 26.48
C TYR C 5 24.72 -31.38 25.28
N GLU C 6 24.96 -32.67 25.13
CA GLU C 6 24.50 -33.41 23.95
C GLU C 6 23.55 -34.52 24.36
N THR C 7 22.76 -34.97 23.39
CA THR C 7 21.76 -36.00 23.61
C THR C 7 21.50 -36.72 22.29
N GLU C 8 21.16 -38.01 22.39
CA GLU C 8 20.69 -38.77 21.26
C GLU C 8 19.42 -39.53 21.64
N THR C 9 18.43 -39.48 20.75
CA THR C 9 17.16 -40.18 20.95
C THR C 9 16.79 -40.89 19.65
N THR C 10 16.03 -41.98 19.80
CA THR C 10 15.72 -42.87 18.69
C THR C 10 14.27 -42.67 18.25
N SER C 11 14.06 -42.69 16.94
CA SER C 11 12.73 -42.59 16.34
C SER C 11 12.55 -43.65 15.28
N VAL C 12 11.33 -44.18 15.16
CA VAL C 12 11.04 -45.17 14.14
C VAL C 12 10.84 -44.54 12.77
N ILE C 13 10.57 -43.24 12.71
CA ILE C 13 10.29 -42.55 11.45
C ILE C 13 11.59 -42.39 10.66
N PRO C 14 11.59 -42.59 9.35
CA PRO C 14 12.79 -42.32 8.55
C PRO C 14 13.15 -40.83 8.56
N ALA C 15 14.41 -40.57 8.21
CA ALA C 15 14.97 -39.23 8.39
C ALA C 15 14.24 -38.19 7.56
N ALA C 16 13.94 -38.50 6.29
CA ALA C 16 13.34 -37.50 5.41
C ALA C 16 11.96 -37.09 5.91
N ARG C 17 11.14 -38.07 6.30
CA ARG C 17 9.80 -37.75 6.78
C ARG C 17 9.85 -37.03 8.12
N LEU C 18 10.73 -37.47 9.02
CA LEU C 18 10.81 -36.86 10.35
C LEU C 18 11.29 -35.41 10.28
N PHE C 19 12.25 -35.13 9.41
CA PHE C 19 12.75 -33.77 9.28
C PHE C 19 11.66 -32.82 8.78
N LYS C 20 10.82 -33.29 7.85
CA LYS C 20 9.76 -32.44 7.30
C LYS C 20 8.71 -32.12 8.36
N ALA C 21 8.34 -33.08 9.19
CA ALA C 21 7.27 -32.89 10.17
C ALA C 21 7.79 -32.30 11.47
N PHE C 22 8.88 -32.85 12.01
CA PHE C 22 9.35 -32.41 13.32
C PHE C 22 10.09 -31.07 13.25
N ILE C 23 10.83 -30.82 12.17
CA ILE C 23 11.64 -29.61 12.06
C ILE C 23 10.92 -28.56 11.23
N LEU C 24 10.55 -28.90 9.99
CA LEU C 24 9.98 -27.91 9.08
C LEU C 24 8.58 -27.50 9.50
N ASP C 25 7.80 -28.41 10.08
CA ASP C 25 6.46 -28.09 10.55
C ASP C 25 6.27 -28.37 12.03
N GLY C 26 7.36 -28.42 12.80
CA GLY C 26 7.21 -28.53 14.25
C GLY C 26 6.44 -27.37 14.83
N ASP C 27 6.66 -26.17 14.29
CA ASP C 27 5.95 -25.00 14.77
C ASP C 27 4.44 -25.13 14.57
N ASN C 28 4.03 -25.71 13.44
CA ASN C 28 2.62 -25.97 13.21
C ASN C 28 2.10 -27.07 14.12
N LEU C 29 2.85 -28.17 14.25
CA LEU C 29 2.36 -29.36 14.94
C LEU C 29 2.34 -29.21 16.46
N PHE C 30 3.39 -28.61 17.03
CA PHE C 30 3.58 -28.65 18.48
C PHE C 30 2.36 -28.16 19.28
N PRO C 31 1.72 -27.03 18.95
CA PRO C 31 0.49 -26.68 19.68
C PRO C 31 -0.63 -27.69 19.50
N LYS C 32 -0.64 -28.43 18.40
CA LYS C 32 -1.72 -29.37 18.11
C LYS C 32 -1.49 -30.73 18.76
N VAL C 33 -0.30 -31.31 18.58
CA VAL C 33 -0.04 -32.67 19.05
C VAL C 33 0.41 -32.73 20.50
N ALA C 34 0.93 -31.64 21.05
CA ALA C 34 1.37 -31.58 22.44
C ALA C 34 0.82 -30.31 23.10
N PRO C 35 -0.50 -30.22 23.28
CA PRO C 35 -1.05 -29.03 23.94
C PRO C 35 -0.62 -28.88 25.39
N GLN C 36 -0.26 -29.98 26.07
CA GLN C 36 0.17 -29.90 27.46
C GLN C 36 1.54 -29.24 27.60
N ALA C 37 2.31 -29.15 26.52
CA ALA C 37 3.63 -28.55 26.55
C ALA C 37 3.71 -27.23 25.82
N ILE C 38 3.11 -27.13 24.64
CA ILE C 38 3.12 -25.91 23.84
C ILE C 38 1.68 -25.45 23.65
N SER C 39 1.40 -24.22 24.09
CA SER C 39 0.07 -23.65 23.93
C SER C 39 -0.09 -22.96 22.58
N SER C 40 0.93 -22.25 22.12
CA SER C 40 0.89 -21.58 20.83
C SER C 40 2.31 -21.28 20.37
N VAL C 41 2.54 -21.41 19.06
CA VAL C 41 3.79 -21.00 18.42
C VAL C 41 3.49 -19.80 17.55
N GLU C 42 4.26 -18.73 17.75
CA GLU C 42 3.98 -17.43 17.14
C GLU C 42 5.23 -16.94 16.43
N ASN C 43 5.16 -16.82 15.10
CA ASN C 43 6.26 -16.24 14.35
C ASN C 43 6.31 -14.74 14.61
N ILE C 44 7.50 -14.22 14.87
CA ILE C 44 7.69 -12.79 15.07
C ILE C 44 8.22 -12.11 13.81
N GLU C 45 9.14 -12.78 13.12
CA GLU C 45 9.79 -12.19 11.96
C GLU C 45 10.30 -13.30 11.06
N GLY C 46 10.13 -13.12 9.75
CA GLY C 46 10.65 -14.08 8.79
C GLY C 46 9.65 -15.18 8.42
N ASN C 47 10.12 -16.07 7.54
CA ASN C 47 9.33 -17.21 7.12
C ASN C 47 9.45 -18.40 8.07
N GLY C 48 10.66 -18.66 8.55
CA GLY C 48 10.98 -19.90 9.24
C GLY C 48 12.39 -20.31 8.89
N GLY C 49 13.00 -19.60 7.93
CA GLY C 49 14.37 -19.82 7.56
C GLY C 49 15.31 -19.04 8.46
N PRO C 50 16.57 -18.92 8.04
CA PRO C 50 17.55 -18.19 8.86
C PRO C 50 17.12 -16.75 9.10
N GLY C 51 17.33 -16.28 10.32
CA GLY C 51 16.88 -14.97 10.73
C GLY C 51 15.49 -14.93 11.33
N THR C 52 14.77 -16.05 11.33
CA THR C 52 13.40 -16.07 11.83
C THR C 52 13.38 -16.02 13.36
N ILE C 53 12.49 -15.18 13.89
CA ILE C 53 12.28 -15.04 15.32
C ILE C 53 10.88 -15.56 15.63
N LYS C 54 10.79 -16.42 16.66
CA LYS C 54 9.51 -17.01 17.03
C LYS C 54 9.30 -16.93 18.53
N LYS C 55 8.06 -16.68 18.93
CA LYS C 55 7.64 -16.59 20.33
C LYS C 55 6.84 -17.83 20.66
N ILE C 56 7.36 -18.65 21.57
CA ILE C 56 6.72 -19.89 21.98
C ILE C 56 6.07 -19.66 23.33
N SER C 57 4.74 -19.81 23.39
CA SER C 57 3.99 -19.62 24.61
C SER C 57 3.67 -20.97 25.24
N PHE C 58 3.76 -21.03 26.56
CA PHE C 58 3.50 -22.25 27.30
C PHE C 58 2.15 -22.18 28.00
N PRO C 59 1.45 -23.31 28.13
CA PRO C 59 0.13 -23.29 28.74
C PRO C 59 0.19 -22.95 30.23
N GLU C 60 -0.98 -22.59 30.76
CA GLU C 60 -1.11 -22.19 32.16
C GLU C 60 -0.50 -23.23 33.10
N GLY C 61 -0.10 -22.77 34.29
CA GLY C 61 0.65 -23.62 35.20
C GLY C 61 1.99 -24.01 34.62
N LEU C 62 2.69 -23.03 34.07
CA LEU C 62 3.89 -22.97 33.26
C LEU C 62 5.14 -22.71 34.09
N PRO C 63 6.22 -23.44 33.81
CA PRO C 63 7.53 -23.03 34.32
C PRO C 63 7.99 -21.69 33.79
N PHE C 64 7.66 -21.37 32.53
CA PHE C 64 8.01 -20.09 31.93
C PHE C 64 6.80 -19.59 31.14
N LYS C 65 6.63 -18.26 31.11
CA LYS C 65 5.51 -17.70 30.38
C LYS C 65 5.70 -17.85 28.88
N TYR C 66 6.89 -17.52 28.39
CA TYR C 66 7.16 -17.57 26.96
C TYR C 66 8.67 -17.78 26.75
N VAL C 67 9.05 -17.93 25.48
CA VAL C 67 10.46 -17.98 25.11
C VAL C 67 10.56 -17.58 23.64
N LYS C 68 11.68 -16.95 23.29
CA LYS C 68 11.91 -16.48 21.93
C LYS C 68 13.12 -17.20 21.34
N ASP C 69 12.95 -17.70 20.12
CA ASP C 69 13.99 -18.46 19.43
C ASP C 69 14.37 -17.77 18.11
N ARG C 70 15.64 -17.84 17.77
CA ARG C 70 16.14 -17.38 16.47
C ARG C 70 16.58 -18.58 15.66
N VAL C 71 16.06 -18.69 14.44
CA VAL C 71 16.51 -19.73 13.53
C VAL C 71 17.83 -19.31 12.90
N ASP C 72 18.86 -20.12 13.09
CA ASP C 72 20.21 -19.81 12.61
C ASP C 72 20.52 -20.45 11.28
N GLU C 73 20.10 -21.70 11.07
CA GLU C 73 20.41 -22.42 9.85
C GLU C 73 19.39 -23.54 9.66
N VAL C 74 19.01 -23.78 8.41
CA VAL C 74 18.15 -24.89 8.03
C VAL C 74 18.80 -25.56 6.84
N ASP C 75 19.40 -26.73 7.06
CA ASP C 75 20.11 -27.47 6.01
C ASP C 75 19.22 -28.63 5.58
N HIS C 76 18.50 -28.44 4.48
CA HIS C 76 17.61 -29.48 3.98
C HIS C 76 18.40 -30.71 3.53
N THR C 77 19.55 -30.49 2.88
CA THR C 77 20.32 -31.60 2.34
C THR C 77 20.87 -32.51 3.44
N ASN C 78 21.37 -31.91 4.52
CA ASN C 78 22.03 -32.66 5.58
C ASN C 78 21.15 -32.89 6.81
N PHE C 79 19.87 -32.47 6.76
CA PHE C 79 18.92 -32.68 7.86
C PHE C 79 19.45 -32.09 9.17
N LYS C 80 19.96 -30.88 9.09
CA LYS C 80 20.58 -30.20 10.22
C LYS C 80 19.85 -28.90 10.49
N TYR C 81 19.56 -28.64 11.76
CA TYR C 81 18.77 -27.48 12.16
C TYR C 81 19.45 -26.77 13.32
N ASN C 82 19.66 -25.47 13.18
CA ASN C 82 20.31 -24.64 14.18
C ASN C 82 19.37 -23.53 14.62
N TYR C 83 19.20 -23.38 15.93
CA TYR C 83 18.40 -22.29 16.47
C TYR C 83 18.94 -21.91 17.83
N SER C 84 18.61 -20.69 18.27
CA SER C 84 19.13 -20.13 19.51
C SER C 84 18.00 -19.59 20.37
N VAL C 85 18.07 -19.88 21.66
CA VAL C 85 17.15 -19.33 22.65
C VAL C 85 17.74 -18.01 23.14
N ILE C 86 17.04 -16.91 22.88
CA ILE C 86 17.62 -15.58 23.09
C ILE C 86 16.84 -14.73 24.08
N GLU C 87 15.56 -14.99 24.33
CA GLU C 87 14.79 -14.16 25.24
C GLU C 87 13.71 -14.99 25.91
N GLY C 88 13.43 -14.67 27.17
CA GLY C 88 12.43 -15.35 27.94
C GLY C 88 12.91 -16.69 28.47
N GLY C 89 12.05 -17.31 29.27
CA GLY C 89 12.36 -18.58 29.88
C GLY C 89 13.57 -18.51 30.78
N PRO C 90 14.54 -19.39 30.56
CA PRO C 90 15.77 -19.38 31.36
C PRO C 90 16.73 -18.26 31.02
N ILE C 91 16.43 -17.45 30.00
CA ILE C 91 17.34 -16.37 29.61
C ILE C 91 17.29 -15.27 30.66
N GLY C 92 18.47 -14.85 31.14
CA GLY C 92 18.58 -13.83 32.15
C GLY C 92 19.48 -14.26 33.28
N ASP C 93 19.68 -13.34 34.22
CA ASP C 93 20.48 -13.58 35.41
C ASP C 93 21.91 -13.95 35.03
N THR C 94 22.22 -15.24 34.97
CA THR C 94 23.56 -15.71 34.64
C THR C 94 23.64 -16.46 33.32
N LEU C 95 22.56 -16.55 32.57
CA LEU C 95 22.52 -17.33 31.33
C LEU C 95 22.13 -16.40 30.19
N GLU C 96 23.04 -16.26 29.22
CA GLU C 96 22.91 -15.25 28.17
C GLU C 96 22.09 -15.75 26.98
N LYS C 97 22.44 -16.92 26.43
CA LYS C 97 21.61 -17.55 25.40
C LYS C 97 21.95 -19.02 25.33
N ILE C 98 21.12 -19.75 24.59
CA ILE C 98 21.27 -21.19 24.39
C ILE C 98 21.35 -21.45 22.89
N SER C 99 22.47 -22.01 22.45
CA SER C 99 22.66 -22.37 21.05
C SER C 99 22.40 -23.86 20.87
N ASN C 100 21.55 -24.21 19.92
CA ASN C 100 21.07 -25.57 19.75
C ASN C 100 21.33 -26.06 18.33
N GLU C 101 21.72 -27.33 18.22
CA GLU C 101 21.91 -27.99 16.93
C GLU C 101 21.20 -29.34 16.96
N ILE C 102 20.37 -29.59 15.96
CA ILE C 102 19.66 -30.86 15.81
C ILE C 102 20.03 -31.45 14.45
N LYS C 103 20.54 -32.68 14.45
CA LYS C 103 20.91 -33.38 13.24
C LYS C 103 20.22 -34.73 13.23
N ILE C 104 19.45 -35.00 12.18
CA ILE C 104 18.71 -36.25 12.04
C ILE C 104 19.50 -37.17 11.11
N VAL C 105 19.82 -38.38 11.60
CA VAL C 105 20.65 -39.33 10.87
C VAL C 105 19.87 -40.62 10.70
N ALA C 106 19.85 -41.13 9.48
CA ALA C 106 19.18 -42.39 9.20
C ALA C 106 19.94 -43.56 9.84
N THR C 107 19.20 -44.56 10.29
CA THR C 107 19.72 -45.70 11.02
C THR C 107 19.52 -46.98 10.22
N PRO C 108 20.30 -48.03 10.50
CA PRO C 108 20.25 -49.23 9.64
C PRO C 108 18.91 -49.94 9.60
N ASP C 109 17.99 -49.68 10.53
CA ASP C 109 16.73 -50.40 10.57
C ASP C 109 15.59 -49.70 9.83
N GLY C 110 15.84 -48.53 9.25
CA GLY C 110 14.80 -47.74 8.61
C GLY C 110 14.34 -46.54 9.41
N GLY C 111 14.75 -46.42 10.67
CA GLY C 111 14.37 -45.31 11.53
C GLY C 111 15.36 -44.17 11.46
N SER C 112 15.51 -43.48 12.59
CA SER C 112 16.39 -42.33 12.66
C SER C 112 16.83 -42.11 14.10
N ILE C 113 17.90 -41.34 14.26
CA ILE C 113 18.37 -40.88 15.56
C ILE C 113 18.61 -39.38 15.48
N LEU C 114 18.26 -38.68 16.55
CA LEU C 114 18.39 -37.23 16.63
C LEU C 114 19.59 -36.88 17.49
N LYS C 115 20.58 -36.21 16.90
CA LYS C 115 21.74 -35.74 17.63
C LYS C 115 21.47 -34.30 18.06
N ILE C 116 21.11 -34.11 19.32
CA ILE C 116 20.80 -32.79 19.87
C ILE C 116 22.02 -32.29 20.62
N SER C 117 22.42 -31.05 20.33
CA SER C 117 23.54 -30.41 21.00
C SER C 117 23.06 -29.09 21.59
N ASN C 118 23.22 -28.93 22.90
CA ASN C 118 22.80 -27.74 23.61
C ASN C 118 24.04 -27.01 24.11
N LYS C 119 24.21 -25.76 23.69
CA LYS C 119 25.38 -24.95 24.02
C LYS C 119 24.90 -23.74 24.81
N TYR C 120 25.21 -23.72 26.11
CA TYR C 120 24.79 -22.64 27.00
C TYR C 120 25.91 -21.63 27.17
N HIS C 121 25.55 -20.36 27.16
CA HIS C 121 26.49 -19.25 27.31
C HIS C 121 26.22 -18.59 28.65
N THR C 122 27.06 -18.89 29.63
CA THR C 122 26.82 -18.49 31.02
C THR C 122 27.68 -17.30 31.41
N LYS C 123 27.40 -16.78 32.59
CA LYS C 123 28.04 -15.58 33.12
C LYS C 123 29.34 -15.95 33.82
N GLY C 124 30.47 -15.57 33.22
CA GLY C 124 31.77 -15.79 33.83
C GLY C 124 32.06 -17.24 34.18
N ASP C 125 32.13 -17.53 35.47
CA ASP C 125 32.40 -18.88 35.96
C ASP C 125 31.13 -19.61 36.42
N HIS C 126 29.96 -19.03 36.20
CA HIS C 126 28.74 -19.64 36.66
C HIS C 126 28.42 -20.92 35.88
N GLU C 127 27.67 -21.81 36.52
CA GLU C 127 27.30 -23.09 35.96
C GLU C 127 25.77 -23.18 35.89
N VAL C 128 25.30 -24.09 35.06
CA VAL C 128 23.86 -24.27 34.88
C VAL C 128 23.36 -25.35 35.84
N LYS C 129 22.12 -25.21 36.27
CA LYS C 129 21.50 -26.20 37.14
C LYS C 129 21.13 -27.44 36.35
N ALA C 130 21.32 -28.61 36.97
CA ALA C 130 21.06 -29.86 36.27
C ALA C 130 19.59 -30.00 35.89
N GLU C 131 18.69 -29.37 36.65
CA GLU C 131 17.27 -29.39 36.29
C GLU C 131 17.01 -28.65 34.99
N GLN C 132 17.75 -27.58 34.72
CA GLN C 132 17.61 -26.88 33.45
C GLN C 132 17.98 -27.77 32.28
N VAL C 133 19.11 -28.49 32.40
CA VAL C 133 19.52 -29.41 31.34
C VAL C 133 18.52 -30.56 31.23
N LYS C 134 18.06 -31.07 32.37
CA LYS C 134 17.09 -32.17 32.38
C LYS C 134 15.77 -31.75 31.75
N ALA C 135 15.31 -30.53 32.04
CA ALA C 135 14.02 -30.07 31.53
C ALA C 135 14.03 -29.98 30.01
N SER C 136 15.14 -29.51 29.43
CA SER C 136 15.23 -29.43 27.97
C SER C 136 15.16 -30.82 27.34
N LYS C 137 15.81 -31.81 27.96
CA LYS C 137 15.74 -33.18 27.47
C LYS C 137 14.32 -33.73 27.57
N GLU C 138 13.62 -33.42 28.66
CA GLU C 138 12.22 -33.84 28.79
C GLU C 138 11.36 -33.23 27.70
N MET C 139 11.53 -31.94 27.44
CA MET C 139 10.69 -31.25 26.47
C MET C 139 10.90 -31.80 25.06
N GLY C 140 12.16 -32.09 24.69
CA GLY C 140 12.43 -32.57 23.36
C GLY C 140 11.81 -33.93 23.08
N GLU C 141 11.92 -34.86 24.02
CA GLU C 141 11.39 -36.21 23.80
C GLU C 141 9.87 -36.20 23.72
N THR C 142 9.21 -35.45 24.62
CA THR C 142 7.75 -35.41 24.60
C THR C 142 7.23 -34.86 23.29
N LEU C 143 7.87 -33.82 22.76
CA LEU C 143 7.49 -33.31 21.44
C LEU C 143 7.75 -34.34 20.35
N LEU C 144 8.89 -35.02 20.42
CA LEU C 144 9.22 -36.01 19.39
C LEU C 144 8.22 -37.16 19.38
N ARG C 145 7.86 -37.68 20.55
CA ARG C 145 6.95 -38.81 20.61
C ARG C 145 5.53 -38.41 20.23
N ALA C 146 5.13 -37.18 20.53
CA ALA C 146 3.83 -36.70 20.10
C ALA C 146 3.74 -36.59 18.58
N VAL C 147 4.79 -36.04 17.96
CA VAL C 147 4.84 -35.99 16.50
C VAL C 147 4.97 -37.40 15.93
N GLU C 148 5.73 -38.26 16.60
CA GLU C 148 5.88 -39.64 16.15
C GLU C 148 4.55 -40.37 16.16
N SER C 149 3.74 -40.16 17.20
CA SER C 149 2.41 -40.76 17.25
C SER C 149 1.50 -40.20 16.15
N TYR C 150 1.63 -38.91 15.86
CA TYR C 150 0.82 -38.29 14.82
C TYR C 150 1.11 -38.90 13.45
N LEU C 151 2.39 -39.09 13.13
CA LEU C 151 2.75 -39.65 11.83
C LEU C 151 2.30 -41.10 11.69
N LEU C 152 2.42 -41.88 12.78
CA LEU C 152 1.99 -43.28 12.72
C LEU C 152 0.48 -43.38 12.54
N ALA C 153 -0.28 -42.51 13.20
CA ALA C 153 -1.74 -42.51 13.07
C ALA C 153 -2.22 -41.84 11.79
N HIS C 154 -1.35 -41.11 11.09
CA HIS C 154 -1.68 -40.44 9.83
C HIS C 154 -0.60 -40.82 8.82
N SER C 155 -0.78 -41.96 8.17
CA SER C 155 0.24 -42.48 7.25
C SER C 155 0.38 -41.62 6.00
N ASP C 156 -0.67 -40.88 5.61
CA ASP C 156 -0.58 -40.00 4.46
C ASP C 156 0.16 -38.70 4.75
N ALA C 157 0.27 -38.32 6.03
CA ALA C 157 0.87 -37.05 6.37
C ALA C 157 2.37 -37.05 6.10
N TYR C 158 2.85 -36.00 5.45
CA TYR C 158 4.27 -35.81 5.17
C TYR C 158 4.85 -36.99 4.39
N ASN C 159 4.06 -37.51 3.46
CA ASN C 159 4.43 -38.68 2.68
C ASN C 159 3.54 -38.79 1.44
#